data_6BT4
#
_entry.id   6BT4
#
_cell.length_a   76.560
_cell.length_b   76.560
_cell.length_c   97.379
_cell.angle_alpha   90.00
_cell.angle_beta   90.00
_cell.angle_gamma   90.00
#
_symmetry.space_group_name_H-M   'P 41 21 2'
#
loop_
_entity.id
_entity.type
_entity.pdbx_description
1 polymer 'S-layer protein sap'
2 non-polymer 2-(acetylamino)-4-O-{2-(acetylamino)-4,6-O-[(1S)-1-carboxyethylidene]-2-deoxy-beta-D-mannopyranosyl}-2-deoxy-beta-D-glucopyranose
3 non-polymer 'SULFATE ION'
4 water water
#
_entity_poly.entity_id   1
_entity_poly.type   'polypeptide(L)'
_entity_poly.pdbx_seq_one_letter_code
;MGHHHHHHHHHHSSGHIEGRHMGKTFPDVPADHWGIDSINYLVEKGAVKGNDKGMFEPGKELTRAEAATMMAQILNLPID
KDAKPSFADSQGQWYTPFIAAVEKAGVIKGTGNGFEPNGKIDRVSMASLLVEAYKLDTKVNGTPATKFKDLETLNWGKEK
ANILVELGISVGTGDQWEPKKTVTKAEAAQFIAKTDKQFGTE
;
_entity_poly.pdbx_strand_id   A
#
loop_
_chem_comp.id
_chem_comp.type
_chem_comp.name
_chem_comp.formula
KPM non-polymer 2-(acetylamino)-4-O-{2-(acetylamino)-4,6-O-[(1S)-1-carboxyethylidene]-2-deoxy-beta-D-mannopyranosyl}-2-deoxy-beta-D-glucopyranose 'C19 H30 N2 O13'
SO4 non-polymer 'SULFATE ION' 'O4 S -2'
#
# COMPACT_ATOMS: atom_id res chain seq x y z
N PRO A 30 1.52 -17.61 -13.27
CA PRO A 30 1.65 -19.08 -13.30
C PRO A 30 0.71 -19.78 -12.31
N ALA A 31 0.19 -20.94 -12.69
CA ALA A 31 -0.97 -21.57 -12.02
C ALA A 31 -0.80 -21.88 -10.53
N ASP A 32 0.15 -22.76 -10.20
CA ASP A 32 0.37 -23.16 -8.82
C ASP A 32 1.27 -22.17 -8.09
N HIS A 33 1.59 -21.06 -8.75
CA HIS A 33 2.48 -20.05 -8.20
C HIS A 33 1.77 -19.11 -7.24
N TRP A 34 2.42 -18.75 -6.14
CA TRP A 34 1.80 -17.85 -5.17
C TRP A 34 1.50 -16.51 -5.78
N GLY A 35 0.43 -15.88 -5.29
CA GLY A 35 0.02 -14.59 -5.79
C GLY A 35 -1.02 -14.64 -6.90
N ILE A 36 -1.27 -15.83 -7.44
CA ILE A 36 -2.16 -15.92 -8.60
C ILE A 36 -3.61 -15.56 -8.26
N ASP A 37 -4.14 -16.05 -7.14
CA ASP A 37 -5.51 -15.69 -6.78
C ASP A 37 -5.61 -14.19 -6.51
N SER A 38 -4.57 -13.61 -5.89
CA SER A 38 -4.53 -12.16 -5.62
C SER A 38 -4.49 -11.34 -6.91
N ILE A 39 -3.56 -11.67 -7.80
CA ILE A 39 -3.41 -10.95 -9.04
C ILE A 39 -4.68 -11.06 -9.90
N ASN A 40 -5.30 -12.23 -9.92
CA ASN A 40 -6.54 -12.39 -10.68
C ASN A 40 -7.63 -11.51 -10.10
N TYR A 41 -7.66 -11.40 -8.79
CA TYR A 41 -8.64 -10.55 -8.17
C TYR A 41 -8.43 -9.11 -8.63
N LEU A 42 -7.19 -8.66 -8.63
CA LEU A 42 -6.90 -7.30 -9.06
C LEU A 42 -7.15 -7.07 -10.55
N VAL A 43 -6.80 -8.04 -11.39
CA VAL A 43 -7.10 -7.93 -12.80
C VAL A 43 -8.62 -7.85 -13.02
N GLU A 44 -9.33 -8.68 -12.27
CA GLU A 44 -10.79 -8.70 -12.31
C GLU A 44 -11.37 -7.35 -11.92
N LYS A 45 -10.67 -6.61 -11.07
CA LYS A 45 -11.14 -5.30 -10.67
C LYS A 45 -10.36 -4.17 -11.37
N GLY A 46 -9.59 -4.54 -12.39
CA GLY A 46 -8.87 -3.58 -13.21
C GLY A 46 -7.90 -2.72 -12.43
N ALA A 47 -7.19 -3.30 -11.49
CA ALA A 47 -6.29 -2.52 -10.65
C ALA A 47 -4.82 -2.88 -10.89
N VAL A 48 -4.56 -3.78 -11.83
CA VAL A 48 -3.19 -4.20 -12.14
C VAL A 48 -3.12 -4.74 -13.58
N PHE A 56 4.08 -10.57 -16.30
CA PHE A 56 3.51 -9.77 -15.22
C PHE A 56 4.57 -8.98 -14.44
N GLU A 57 5.83 -9.43 -14.51
CA GLU A 57 6.92 -8.84 -13.72
C GLU A 57 6.64 -8.88 -12.22
N PRO A 58 6.40 -10.09 -11.67
CA PRO A 58 6.02 -10.17 -10.25
C PRO A 58 7.14 -9.81 -9.28
N GLY A 59 8.39 -10.06 -9.67
CA GLY A 59 9.54 -9.79 -8.81
C GLY A 59 10.07 -8.38 -8.93
N LYS A 60 9.41 -7.56 -9.75
CA LYS A 60 9.83 -6.18 -9.98
C LYS A 60 9.54 -5.32 -8.75
N GLU A 61 10.46 -4.46 -8.38
CA GLU A 61 10.22 -3.58 -7.24
C GLU A 61 9.25 -2.44 -7.62
N LEU A 62 8.30 -2.18 -6.73
CA LEU A 62 7.25 -1.22 -6.98
C LEU A 62 7.65 0.17 -6.53
N THR A 63 7.40 1.17 -7.36
CA THR A 63 7.60 2.56 -6.95
C THR A 63 6.39 3.04 -6.18
N ARG A 64 6.60 4.09 -5.39
CA ARG A 64 5.50 4.69 -4.64
C ARG A 64 4.36 5.18 -5.56
N ALA A 65 4.70 5.68 -6.74
CA ALA A 65 3.67 6.10 -7.68
C ALA A 65 2.82 4.92 -8.16
N GLU A 66 3.47 3.80 -8.46
CA GLU A 66 2.76 2.61 -8.94
C GLU A 66 1.85 2.04 -7.85
N ALA A 67 2.29 2.13 -6.60
CA ALA A 67 1.51 1.63 -5.49
C ALA A 67 0.26 2.49 -5.32
N ALA A 68 0.45 3.81 -5.37
CA ALA A 68 -0.65 4.74 -5.25
C ALA A 68 -1.68 4.55 -6.36
N THR A 69 -1.18 4.28 -7.56
CA THR A 69 -2.03 4.02 -8.71
C THR A 69 -2.87 2.74 -8.49
N MET A 70 -2.24 1.67 -8.02
CA MET A 70 -2.99 0.47 -7.69
C MET A 70 -4.10 0.77 -6.67
N MET A 71 -3.79 1.59 -5.65
CA MET A 71 -4.79 2.01 -4.66
C MET A 71 -5.95 2.82 -5.27
N ALA A 72 -5.60 3.78 -6.12
CA ALA A 72 -6.60 4.67 -6.71
C ALA A 72 -7.59 3.83 -7.49
N GLN A 73 -7.09 2.79 -8.11
CA GLN A 73 -7.94 1.97 -8.95
C GLN A 73 -8.76 0.98 -8.14
N ILE A 74 -8.16 0.35 -7.14
CA ILE A 74 -8.89 -0.64 -6.35
C ILE A 74 -9.98 0.07 -5.52
N LEU A 75 -9.74 1.33 -5.15
CA LEU A 75 -10.72 2.08 -4.37
C LEU A 75 -11.79 2.70 -5.26
N ASN A 76 -11.62 2.53 -6.58
CA ASN A 76 -12.57 3.09 -7.53
C ASN A 76 -12.70 4.61 -7.34
N LEU A 77 -11.62 5.28 -6.97
CA LEU A 77 -11.64 6.74 -6.82
C LEU A 77 -11.92 7.44 -8.15
N PRO A 78 -12.60 8.61 -8.11
CA PRO A 78 -12.76 9.36 -9.36
C PRO A 78 -11.40 9.84 -9.86
N ILE A 79 -11.10 9.62 -11.14
CA ILE A 79 -9.83 10.05 -11.70
C ILE A 79 -10.02 11.22 -12.67
N ASP A 80 -9.81 12.44 -12.19
CA ASP A 80 -9.82 13.60 -13.08
C ASP A 80 -8.44 13.73 -13.73
N LYS A 81 -8.44 13.66 -15.07
CA LYS A 81 -7.23 13.71 -15.89
C LYS A 81 -6.26 14.86 -15.58
N ASP A 82 -6.78 16.04 -15.32
CA ASP A 82 -5.92 17.20 -15.17
C ASP A 82 -5.86 17.70 -13.74
N ALA A 83 -6.42 16.92 -12.81
CA ALA A 83 -6.27 17.21 -11.39
C ALA A 83 -4.79 17.03 -11.01
N LYS A 84 -4.24 17.99 -10.28
CA LYS A 84 -2.89 17.91 -9.81
C LYS A 84 -2.87 17.76 -8.29
N PRO A 85 -1.99 16.90 -7.77
CA PRO A 85 -1.78 16.82 -6.31
C PRO A 85 -1.04 18.05 -5.80
N SER A 86 -0.92 18.20 -4.49
CA SER A 86 -0.24 19.37 -3.94
C SER A 86 1.27 19.33 -4.22
N PHE A 87 1.83 18.13 -4.23
CA PHE A 87 3.29 17.92 -4.19
C PHE A 87 4.01 18.42 -5.42
N ALA A 88 4.97 19.33 -5.22
CA ALA A 88 5.81 19.83 -6.30
C ALA A 88 6.54 18.72 -7.06
N ASP A 89 6.77 17.57 -6.44
CA ASP A 89 7.59 16.53 -7.07
C ASP A 89 6.74 15.49 -7.82
N SER A 90 5.43 15.70 -7.91
CA SER A 90 4.59 14.67 -8.52
C SER A 90 3.80 15.12 -9.73
N GLN A 91 4.25 16.22 -10.35
CA GLN A 91 3.57 16.82 -11.50
C GLN A 91 4.01 16.27 -12.84
N GLY A 92 3.21 16.55 -13.87
CA GLY A 92 3.64 16.38 -15.25
C GLY A 92 3.97 14.98 -15.71
N GLN A 93 3.34 13.97 -15.10
CA GLN A 93 3.65 12.59 -15.47
C GLN A 93 2.37 11.71 -15.42
N TRP A 94 2.46 10.51 -15.97
CA TRP A 94 1.31 9.60 -16.06
C TRP A 94 0.66 9.30 -14.70
N TYR A 95 1.45 9.30 -13.64
CA TYR A 95 0.92 8.96 -12.31
C TYR A 95 0.24 10.14 -11.62
N THR A 96 0.41 11.33 -12.16
CA THR A 96 -0.02 12.57 -11.51
C THR A 96 -1.52 12.64 -11.15
N PRO A 97 -2.43 12.34 -12.10
CA PRO A 97 -3.83 12.36 -11.65
C PRO A 97 -4.20 11.21 -10.66
N PHE A 98 -3.44 10.12 -10.67
CA PHE A 98 -3.71 9.06 -9.70
C PHE A 98 -3.28 9.47 -8.29
N ILE A 99 -2.11 10.10 -8.20
CA ILE A 99 -1.63 10.63 -6.92
C ILE A 99 -2.57 11.72 -6.37
N ALA A 100 -3.07 12.60 -7.23
CA ALA A 100 -4.05 13.61 -6.81
C ALA A 100 -5.31 12.97 -6.23
N ALA A 101 -5.79 11.90 -6.86
CA ALA A 101 -6.97 11.22 -6.35
C ALA A 101 -6.74 10.62 -4.95
N VAL A 102 -5.65 9.90 -4.74
CA VAL A 102 -5.47 9.29 -3.43
C VAL A 102 -5.08 10.33 -2.36
N GLU A 103 -4.53 11.48 -2.78
CA GLU A 103 -4.30 12.54 -1.81
C GLU A 103 -5.63 13.17 -1.39
N LYS A 104 -6.50 13.38 -2.36
CA LYS A 104 -7.82 13.96 -2.08
C LYS A 104 -8.61 13.03 -1.15
N ALA A 105 -8.45 11.71 -1.31
CA ALA A 105 -9.17 10.76 -0.47
C ALA A 105 -8.50 10.53 0.87
N GLY A 106 -7.39 11.22 1.11
CA GLY A 106 -6.72 11.18 2.40
C GLY A 106 -5.85 9.94 2.57
N VAL A 107 -5.58 9.25 1.48
CA VAL A 107 -4.89 7.97 1.56
C VAL A 107 -3.38 8.20 1.65
N ILE A 108 -2.89 9.22 0.95
CA ILE A 108 -1.49 9.59 1.10
C ILE A 108 -1.32 11.00 1.68
N LYS A 109 -0.31 11.16 2.51
CA LYS A 109 0.24 12.45 2.88
C LYS A 109 1.51 12.50 2.07
N GLY A 110 2.39 13.45 2.33
CA GLY A 110 3.69 13.32 1.72
C GLY A 110 4.60 12.45 2.57
N THR A 111 5.88 12.52 2.27
CA THR A 111 6.91 12.12 3.22
C THR A 111 7.21 13.31 4.14
N GLY A 112 6.59 14.45 3.83
CA GLY A 112 6.97 15.71 4.44
C GLY A 112 7.76 16.54 3.43
N ASN A 113 8.62 15.86 2.66
CA ASN A 113 9.36 16.50 1.58
C ASN A 113 8.89 15.99 0.23
N GLY A 114 7.61 16.24 -0.07
CA GLY A 114 7.01 15.70 -1.28
C GLY A 114 6.53 14.26 -1.15
N PHE A 115 6.11 13.69 -2.27
CA PHE A 115 5.58 12.34 -2.26
C PHE A 115 6.62 11.30 -2.74
N GLU A 116 7.67 11.76 -3.42
CA GLU A 116 8.70 10.88 -3.99
C GLU A 116 8.12 9.73 -4.79
N PRO A 117 7.37 10.08 -5.87
CA PRO A 117 6.65 9.05 -6.65
C PRO A 117 7.57 7.98 -7.25
N ASN A 118 8.81 8.33 -7.57
CA ASN A 118 9.69 7.39 -8.23
C ASN A 118 10.67 6.66 -7.30
N GLY A 119 10.62 6.93 -6.00
CA GLY A 119 11.36 6.12 -5.03
C GLY A 119 10.65 4.78 -4.83
N LYS A 120 11.38 3.73 -4.46
CA LYS A 120 10.75 2.44 -4.20
C LYS A 120 9.92 2.47 -2.91
N ILE A 121 8.77 1.82 -2.91
CA ILE A 121 7.97 1.80 -1.69
C ILE A 121 8.45 0.66 -0.78
N ASP A 122 8.58 0.94 0.50
CA ASP A 122 8.92 -0.08 1.46
C ASP A 122 7.67 -0.59 2.21
N ARG A 123 7.83 -1.68 2.97
CA ARG A 123 6.70 -2.36 3.57
C ARG A 123 5.96 -1.49 4.57
N VAL A 124 6.67 -0.66 5.34
CA VAL A 124 5.96 0.17 6.31
C VAL A 124 5.11 1.27 5.63
N SER A 125 5.57 1.78 4.48
CA SER A 125 4.79 2.73 3.70
C SER A 125 3.57 2.05 3.08
N MET A 126 3.76 0.84 2.56
CA MET A 126 2.65 0.03 2.10
C MET A 126 1.60 -0.11 3.21
N ALA A 127 2.07 -0.38 4.44
CA ALA A 127 1.14 -0.54 5.56
C ALA A 127 0.36 0.73 5.74
N SER A 128 1.06 1.84 5.70
CA SER A 128 0.43 3.12 5.87
C SER A 128 -0.66 3.37 4.80
N LEU A 129 -0.39 3.01 3.55
CA LEU A 129 -1.40 3.13 2.47
C LEU A 129 -2.68 2.36 2.79
N LEU A 130 -2.51 1.10 3.20
CA LEU A 130 -3.66 0.23 3.42
C LEU A 130 -4.45 0.65 4.67
N VAL A 131 -3.76 1.03 5.74
CA VAL A 131 -4.44 1.40 6.97
C VAL A 131 -5.30 2.64 6.74
N GLU A 132 -4.74 3.62 6.04
CA GLU A 132 -5.44 4.85 5.70
C GLU A 132 -6.57 4.60 4.73
N ALA A 133 -6.32 3.78 3.72
CA ALA A 133 -7.31 3.57 2.68
C ALA A 133 -8.52 2.81 3.22
N TYR A 134 -8.30 1.88 4.15
CA TYR A 134 -9.41 1.07 4.61
C TYR A 134 -9.75 1.28 6.08
N LYS A 135 -9.28 2.39 6.65
CA LYS A 135 -9.53 2.71 8.06
C LYS A 135 -9.27 1.51 8.98
N LEU A 136 -8.15 0.82 8.78
CA LEU A 136 -7.93 -0.45 9.44
C LEU A 136 -7.79 -0.30 10.95
N ASP A 137 -7.51 0.91 11.41
CA ASP A 137 -7.45 1.19 12.84
C ASP A 137 -8.82 1.01 13.51
N THR A 138 -9.91 1.18 12.75
CA THR A 138 -11.26 0.91 13.28
C THR A 138 -11.64 -0.57 13.25
N LYS A 139 -10.74 -1.44 12.81
CA LYS A 139 -11.05 -2.85 12.67
C LYS A 139 -10.36 -3.70 13.72
N VAL A 140 -9.63 -3.06 14.65
CA VAL A 140 -8.98 -3.82 15.72
C VAL A 140 -9.44 -3.31 17.06
N ASN A 141 -9.43 -4.16 18.08
CA ASN A 141 -9.82 -3.72 19.41
C ASN A 141 -8.62 -3.24 20.21
N GLY A 142 -8.62 -1.95 20.54
CA GLY A 142 -7.51 -1.36 21.28
C GLY A 142 -6.26 -1.21 20.43
N THR A 143 -5.10 -1.33 21.06
CA THR A 143 -3.83 -1.21 20.35
C THR A 143 -3.15 -2.57 20.22
N PRO A 144 -2.92 -3.01 18.97
CA PRO A 144 -2.27 -4.30 18.70
C PRO A 144 -0.90 -4.37 19.36
N ALA A 145 -0.52 -5.56 19.82
CA ALA A 145 0.81 -5.76 20.40
C ALA A 145 1.88 -5.65 19.30
N THR A 146 3.11 -5.35 19.71
CA THR A 146 4.25 -5.41 18.79
C THR A 146 4.87 -6.81 18.79
N LYS A 147 4.90 -7.47 17.65
CA LYS A 147 5.28 -8.88 17.65
C LYS A 147 6.65 -9.15 17.03
N PHE A 148 7.35 -8.07 16.70
CA PHE A 148 8.60 -8.20 15.98
C PHE A 148 9.62 -7.22 16.52
N LYS A 149 10.82 -7.75 16.68
CA LYS A 149 11.99 -7.05 17.19
C LYS A 149 12.22 -5.74 16.43
N ASP A 150 12.07 -5.76 15.11
CA ASP A 150 12.46 -4.60 14.31
C ASP A 150 11.30 -3.60 14.10
N LEU A 151 10.15 -3.84 14.73
CA LEU A 151 9.09 -2.83 14.75
C LEU A 151 9.22 -2.01 16.04
N GLU A 152 9.84 -2.62 17.04
CA GLU A 152 10.01 -1.96 18.35
C GLU A 152 10.81 -0.68 18.23
N THR A 153 11.85 -0.71 17.40
CA THR A 153 12.83 0.37 17.33
C THR A 153 12.51 1.39 16.26
N LEU A 154 11.26 1.45 15.83
CA LEU A 154 10.93 2.15 14.59
C LEU A 154 10.66 3.65 14.76
N ASN A 155 11.15 4.44 13.82
CA ASN A 155 11.00 5.89 13.84
C ASN A 155 9.55 6.34 13.66
N TRP A 156 8.86 5.76 12.67
CA TRP A 156 7.45 6.02 12.43
C TRP A 156 6.81 4.75 11.90
N GLY A 157 5.49 4.65 12.01
CA GLY A 157 4.75 3.57 11.38
C GLY A 157 4.67 2.25 12.10
N LYS A 158 5.12 2.20 13.35
CA LYS A 158 5.01 0.98 14.15
C LYS A 158 3.56 0.52 14.25
N GLU A 159 2.69 1.43 14.68
CA GLU A 159 1.27 1.16 14.87
C GLU A 159 0.62 0.62 13.60
N LYS A 160 1.04 1.14 12.46
CA LYS A 160 0.42 0.73 11.20
C LYS A 160 0.85 -0.66 10.77
N ALA A 161 2.12 -0.99 11.02
CA ALA A 161 2.62 -2.34 10.80
C ALA A 161 1.92 -3.34 11.75
N ASN A 162 1.83 -2.99 13.04
CA ASN A 162 1.16 -3.84 14.03
C ASN A 162 -0.29 -4.14 13.67
N ILE A 163 -0.97 -3.17 13.06
CA ILE A 163 -2.37 -3.37 12.65
C ILE A 163 -2.45 -4.38 11.51
N LEU A 164 -1.54 -4.28 10.54
CA LEU A 164 -1.47 -5.27 9.46
C LEU A 164 -1.20 -6.68 9.98
N VAL A 165 -0.28 -6.79 10.94
CA VAL A 165 0.00 -8.06 11.60
C VAL A 165 -1.28 -8.58 12.30
N GLU A 166 -1.89 -7.72 13.11
CA GLU A 166 -3.12 -8.08 13.83
C GLU A 166 -4.21 -8.59 12.90
N LEU A 167 -4.27 -8.04 11.70
CA LEU A 167 -5.33 -8.41 10.76
C LEU A 167 -4.91 -9.57 9.84
N GLY A 168 -3.71 -10.09 10.05
CA GLY A 168 -3.21 -11.18 9.24
C GLY A 168 -2.99 -10.83 7.77
N ILE A 169 -2.95 -9.54 7.45
CA ILE A 169 -2.71 -9.14 6.08
C ILE A 169 -1.24 -9.33 5.76
N SER A 170 -0.37 -8.97 6.70
CA SER A 170 1.01 -9.43 6.63
C SER A 170 1.15 -10.70 7.47
N VAL A 171 1.57 -11.79 6.86
CA VAL A 171 1.81 -13.00 7.63
C VAL A 171 3.00 -12.76 8.55
N GLY A 172 4.04 -12.12 8.02
CA GLY A 172 5.28 -11.87 8.75
C GLY A 172 6.09 -13.16 8.84
N THR A 173 7.41 -13.03 8.87
CA THR A 173 8.27 -14.21 8.89
C THR A 173 8.52 -14.70 10.31
N GLY A 174 9.76 -14.57 10.78
CA GLY A 174 10.16 -15.12 12.06
C GLY A 174 10.10 -14.08 13.15
N ASP A 175 11.22 -13.42 13.40
CA ASP A 175 11.24 -12.35 14.37
C ASP A 175 11.54 -11.00 13.71
N GLN A 176 11.44 -10.94 12.39
CA GLN A 176 11.67 -9.70 11.66
C GLN A 176 10.54 -9.42 10.69
N TRP A 177 9.99 -8.20 10.78
CA TRP A 177 8.94 -7.76 9.88
C TRP A 177 9.52 -7.00 8.69
N GLU A 178 10.76 -6.54 8.85
CA GLU A 178 11.49 -5.79 7.81
C GLU A 178 10.74 -4.57 7.24
N PRO A 179 10.48 -3.57 8.09
CA PRO A 179 9.68 -2.42 7.68
C PRO A 179 10.28 -1.61 6.52
N LYS A 180 11.61 -1.59 6.39
CA LYS A 180 12.24 -0.73 5.39
C LYS A 180 12.56 -1.46 4.09
N LYS A 181 12.23 -2.75 4.02
CA LYS A 181 12.45 -3.54 2.80
C LYS A 181 11.49 -3.12 1.69
N THR A 182 11.96 -3.08 0.45
CA THR A 182 11.11 -2.70 -0.66
C THR A 182 10.13 -3.82 -1.02
N VAL A 183 8.99 -3.42 -1.56
CA VAL A 183 7.89 -4.31 -1.92
C VAL A 183 7.92 -4.66 -3.41
N THR A 184 7.75 -5.93 -3.75
CA THR A 184 7.59 -6.30 -5.14
C THR A 184 6.12 -6.18 -5.59
N LYS A 185 5.94 -6.19 -6.90
CA LYS A 185 4.62 -6.06 -7.52
C LYS A 185 3.67 -7.19 -7.07
N ALA A 186 4.18 -8.43 -7.03
CA ALA A 186 3.35 -9.54 -6.58
C ALA A 186 3.04 -9.46 -5.07
N GLU A 187 4.01 -9.09 -4.24
CA GLU A 187 3.74 -8.89 -2.82
C GLU A 187 2.72 -7.78 -2.61
N ALA A 188 2.82 -6.71 -3.41
CA ALA A 188 1.84 -5.62 -3.31
C ALA A 188 0.45 -6.12 -3.68
N ALA A 189 0.38 -6.91 -4.75
CA ALA A 189 -0.90 -7.48 -5.17
C ALA A 189 -1.56 -8.29 -4.05
N GLN A 190 -0.79 -9.10 -3.33
CA GLN A 190 -1.32 -9.85 -2.21
C GLN A 190 -1.86 -8.99 -1.10
N PHE A 191 -1.07 -8.01 -0.67
CA PHE A 191 -1.51 -7.09 0.37
C PHE A 191 -2.81 -6.43 -0.02
N ILE A 192 -2.85 -5.95 -1.26
CA ILE A 192 -4.00 -5.14 -1.67
C ILE A 192 -5.20 -6.04 -1.94
N ALA A 193 -5.00 -7.17 -2.62
CA ALA A 193 -6.14 -8.05 -2.94
C ALA A 193 -6.77 -8.58 -1.66
N LYS A 194 -5.92 -9.03 -0.75
CA LYS A 194 -6.36 -9.56 0.53
C LYS A 194 -7.13 -8.50 1.31
N THR A 195 -6.57 -7.29 1.38
CA THR A 195 -7.20 -6.25 2.19
C THR A 195 -8.52 -5.80 1.59
N ASP A 196 -8.53 -5.63 0.27
CA ASP A 196 -9.73 -5.14 -0.40
C ASP A 196 -10.87 -6.15 -0.35
N LYS A 197 -10.54 -7.43 -0.52
CA LYS A 197 -11.54 -8.49 -0.49
C LYS A 197 -12.23 -8.52 0.88
N GLN A 198 -11.50 -8.13 1.92
CA GLN A 198 -12.04 -8.16 3.28
C GLN A 198 -12.80 -6.90 3.66
N PHE A 199 -12.25 -5.74 3.27
CA PHE A 199 -12.72 -4.49 3.82
C PHE A 199 -13.15 -3.48 2.73
N GLY A 200 -13.07 -3.88 1.46
CA GLY A 200 -13.42 -2.99 0.37
C GLY A 200 -14.92 -2.86 0.24
N THR A 201 -15.37 -1.83 -0.48
CA THR A 201 -16.80 -1.56 -0.66
C THR A 201 -17.11 -1.13 -2.08
C1 KPM B . 13.27 10.45 5.55
C2 KPM B . 12.21 9.90 6.45
O1 KPM B . 12.29 8.79 6.96
N1 KPM B . 11.16 10.70 6.66
C3 KPM B . 10.07 10.35 7.56
C4 KPM B . 10.07 11.27 8.79
O2 KPM B . 11.31 11.17 9.45
O3 KPM B . 9.00 10.90 9.65
C5 KPM B . 7.71 11.04 9.04
C6 KPM B . 6.69 10.73 10.11
O4 KPM B . 6.92 11.52 11.27
C7 KPM B . 7.62 10.12 7.83
O5 KPM B . 6.34 10.31 7.21
C8 KPM B . 5.66 9.21 6.69
O6 KPM B . 5.93 9.08 5.31
C9 KPM B . 5.15 8.05 4.68
C10 KPM B . 5.49 8.00 3.21
O7 KPM B . 4.62 7.05 2.54
C11 KPM B . 3.25 7.28 2.77
C12 KPM B . 2.51 6.08 2.20
O8 KPM B . 2.95 7.32 4.15
C13 KPM B . 3.67 8.34 4.83
C14 KPM B . 3.25 8.38 6.30
O9 KPM B . 1.90 8.81 6.40
C15 KPM B . 4.16 9.44 6.90
N2 KPM B . 3.79 10.77 6.42
C16 KPM B . 3.75 11.85 7.20
C17 KPM B . 3.60 13.16 6.49
O10 KPM B . 3.84 11.77 8.43
C18 KPM B . 2.63 8.56 2.16
O11 KPM B . 3.32 9.15 1.21
O12 KPM B . 1.55 8.98 2.55
C19 KPM B . 8.73 10.42 6.83
O13 KPM B . 8.73 9.46 5.78
S SO4 C . 4.47 -10.77 4.69
O1 SO4 C . 5.61 -11.55 5.16
O2 SO4 C . 4.29 -9.63 5.58
O3 SO4 C . 4.76 -10.29 3.33
O4 SO4 C . 3.26 -11.59 4.65
S SO4 D . -2.42 -16.37 -3.55
O1 SO4 D . -1.07 -16.55 -3.05
O2 SO4 D . -3.39 -16.72 -2.50
O3 SO4 D . -2.62 -17.24 -4.71
O4 SO4 D . -2.63 -14.97 -3.91
#